data_1PJE
# 
_entry.id   1PJE 
# 
_audit_conform.dict_name       mmcif_pdbx.dic 
_audit_conform.dict_version    5.392 
_audit_conform.dict_location   http://mmcif.pdb.org/dictionaries/ascii/mmcif_pdbx.dic 
# 
loop_
_database_2.database_id 
_database_2.database_code 
_database_2.pdbx_database_accession 
_database_2.pdbx_DOI 
PDB   1PJE         pdb_00001pje 10.2210/pdb1pje/pdb 
RCSB  RCSB019359   ?            ?                   
WWPDB D_1000019359 ?            ?                   
# 
loop_
_pdbx_audit_revision_history.ordinal 
_pdbx_audit_revision_history.data_content_type 
_pdbx_audit_revision_history.major_revision 
_pdbx_audit_revision_history.minor_revision 
_pdbx_audit_revision_history.revision_date 
1 'Structure model' 1 0 2003-10-14 
2 'Structure model' 1 1 2008-04-29 
3 'Structure model' 1 2 2011-07-13 
4 'Structure model' 1 3 2021-10-27 
5 'Structure model' 1 4 2024-05-22 
# 
_pdbx_audit_revision_details.ordinal             1 
_pdbx_audit_revision_details.revision_ordinal    1 
_pdbx_audit_revision_details.data_content_type   'Structure model' 
_pdbx_audit_revision_details.provider            repository 
_pdbx_audit_revision_details.type                'Initial release' 
_pdbx_audit_revision_details.description         ? 
_pdbx_audit_revision_details.details             ? 
# 
loop_
_pdbx_audit_revision_group.ordinal 
_pdbx_audit_revision_group.revision_ordinal 
_pdbx_audit_revision_group.data_content_type 
_pdbx_audit_revision_group.group 
1 2 'Structure model' 'Version format compliance' 
2 3 'Structure model' 'Version format compliance' 
3 4 'Structure model' 'Data collection'           
4 4 'Structure model' 'Database references'       
5 4 'Structure model' 'Derived calculations'      
6 5 'Structure model' 'Data collection'           
# 
loop_
_pdbx_audit_revision_category.ordinal 
_pdbx_audit_revision_category.revision_ordinal 
_pdbx_audit_revision_category.data_content_type 
_pdbx_audit_revision_category.category 
1 4 'Structure model' database_2            
2 4 'Structure model' pdbx_nmr_spectrometer 
3 4 'Structure model' pdbx_struct_assembly  
4 4 'Structure model' pdbx_struct_oper_list 
5 4 'Structure model' struct_ref_seq_dif    
6 5 'Structure model' chem_comp_atom        
7 5 'Structure model' chem_comp_bond        
# 
loop_
_pdbx_audit_revision_item.ordinal 
_pdbx_audit_revision_item.revision_ordinal 
_pdbx_audit_revision_item.data_content_type 
_pdbx_audit_revision_item.item 
1 4 'Structure model' '_database_2.pdbx_DOI'                
2 4 'Structure model' '_database_2.pdbx_database_accession' 
3 4 'Structure model' '_pdbx_nmr_spectrometer.model'        
4 4 'Structure model' '_struct_ref_seq_dif.details'         
# 
_pdbx_database_status.status_code                     REL 
_pdbx_database_status.entry_id                        1PJE 
_pdbx_database_status.recvd_initial_deposition_date   2003-06-02 
_pdbx_database_status.deposit_site                    RCSB 
_pdbx_database_status.process_site                    RCSB 
_pdbx_database_status.SG_entry                        . 
_pdbx_database_status.pdb_format_compatible           Y 
_pdbx_database_status.status_code_mr                  ? 
_pdbx_database_status.status_code_sf                  ? 
_pdbx_database_status.status_code_cs                  ? 
_pdbx_database_status.status_code_nmr_data            ? 
_pdbx_database_status.methods_development_category    ? 
# 
_pdbx_database_related.db_name        PDB 
_pdbx_database_related.db_id          1PI8 
_pdbx_database_related.details        
;Structure of the channel-forming trans-membrane domain of Virus protein "u" (Vpu) from HIV-1-NMR, 4 STRUCTURES
;
_pdbx_database_related.content_type   unspecified 
# 
loop_
_audit_author.name 
_audit_author.pdbx_ordinal 
'Park, S.H.'        1 
'Mrse, A.A.'        2 
'Nevzorov, A.A.'    3 
'Mesleh, M.F.'      4 
'Oblatt-Montal, M.' 5 
'Montal, M.'        6 
'Opella, S.J.'      7 
# 
_citation.id                        primary 
_citation.title                     
;Three-dimensional structure of the channel-forming trans-membrane domain of Virus protein "u" (Vpu) from HIV-1
;
_citation.journal_abbrev            J.Mol.Biol. 
_citation.journal_volume            333 
_citation.page_first                409 
_citation.page_last                 424 
_citation.year                      2003 
_citation.journal_id_ASTM           JMOBAK 
_citation.country                   UK 
_citation.journal_id_ISSN           0022-2836 
_citation.journal_id_CSD            0070 
_citation.book_publisher            ? 
_citation.pdbx_database_id_PubMed   14529626 
_citation.pdbx_database_id_DOI      10.1016/j.jmb.2003.08.048 
# 
loop_
_citation_author.citation_id 
_citation_author.name 
_citation_author.ordinal 
_citation_author.identifier_ORCID 
primary 'Park, S.H.'        1 ? 
primary 'Mrse, A.A.'        2 ? 
primary 'Nevzorov, A.A.'    3 ? 
primary 'Mesleh, M.F.'      4 ? 
primary 'Oblatt-Montal, M.' 5 ? 
primary 'Montal, M.'        6 ? 
primary 'Opella, S.J.'      7 ? 
# 
_entity.id                         1 
_entity.type                       polymer 
_entity.src_method                 man 
_entity.pdbx_description           'VPU protein' 
_entity.formula_weight             3873.885 
_entity.pdbx_number_of_molecules   1 
_entity.pdbx_ec                    ? 
_entity.pdbx_mutation              Y29G 
_entity.pdbx_fragment              'Trans-membrane domain' 
_entity.details                    ? 
# 
_entity_name_com.entity_id   1 
_entity_name_com.name        'U ORF protein' 
# 
_entity_poly.entity_id                      1 
_entity_poly.type                           'polypeptide(L)' 
_entity_poly.nstd_linkage                   no 
_entity_poly.nstd_monomer                   no 
_entity_poly.pdbx_seq_one_letter_code       MQPIQIAIVALVVAIIIAIVVWSIVIIEGRGGKKKK 
_entity_poly.pdbx_seq_one_letter_code_can   MQPIQIAIVALVVAIIIAIVVWSIVIIEGRGGKKKK 
_entity_poly.pdbx_strand_id                 A 
_entity_poly.pdbx_target_identifier         ? 
# 
loop_
_entity_poly_seq.entity_id 
_entity_poly_seq.num 
_entity_poly_seq.mon_id 
_entity_poly_seq.hetero 
1 1  MET n 
1 2  GLN n 
1 3  PRO n 
1 4  ILE n 
1 5  GLN n 
1 6  ILE n 
1 7  ALA n 
1 8  ILE n 
1 9  VAL n 
1 10 ALA n 
1 11 LEU n 
1 12 VAL n 
1 13 VAL n 
1 14 ALA n 
1 15 ILE n 
1 16 ILE n 
1 17 ILE n 
1 18 ALA n 
1 19 ILE n 
1 20 VAL n 
1 21 VAL n 
1 22 TRP n 
1 23 SER n 
1 24 ILE n 
1 25 VAL n 
1 26 ILE n 
1 27 ILE n 
1 28 GLU n 
1 29 GLY n 
1 30 ARG n 
1 31 GLY n 
1 32 GLY n 
1 33 LYS n 
1 34 LYS n 
1 35 LYS n 
1 36 LYS n 
# 
_entity_src_gen.entity_id                          1 
_entity_src_gen.pdbx_src_id                        1 
_entity_src_gen.pdbx_alt_source_flag               sample 
_entity_src_gen.pdbx_seq_type                      ? 
_entity_src_gen.pdbx_beg_seq_num                   ? 
_entity_src_gen.pdbx_end_seq_num                   ? 
_entity_src_gen.gene_src_common_name               ? 
_entity_src_gen.gene_src_genus                     Lentivirus 
_entity_src_gen.pdbx_gene_src_gene                 VPU 
_entity_src_gen.gene_src_species                   ? 
_entity_src_gen.gene_src_strain                    ? 
_entity_src_gen.gene_src_tissue                    ? 
_entity_src_gen.gene_src_tissue_fraction           ? 
_entity_src_gen.gene_src_details                   ? 
_entity_src_gen.pdbx_gene_src_fragment             ? 
_entity_src_gen.pdbx_gene_src_scientific_name      'Human immunodeficiency virus 1' 
_entity_src_gen.pdbx_gene_src_ncbi_taxonomy_id     11676 
_entity_src_gen.pdbx_gene_src_variant              ? 
_entity_src_gen.pdbx_gene_src_cell_line            ? 
_entity_src_gen.pdbx_gene_src_atcc                 ? 
_entity_src_gen.pdbx_gene_src_organ                ? 
_entity_src_gen.pdbx_gene_src_organelle            ? 
_entity_src_gen.pdbx_gene_src_cell                 ? 
_entity_src_gen.pdbx_gene_src_cellular_location    ? 
_entity_src_gen.host_org_common_name               ? 
_entity_src_gen.pdbx_host_org_scientific_name      'Escherichia coli' 
_entity_src_gen.pdbx_host_org_ncbi_taxonomy_id     562 
_entity_src_gen.host_org_genus                     Escherichia 
_entity_src_gen.pdbx_host_org_gene                 ? 
_entity_src_gen.pdbx_host_org_organ                ? 
_entity_src_gen.host_org_species                   ? 
_entity_src_gen.pdbx_host_org_tissue               ? 
_entity_src_gen.pdbx_host_org_tissue_fraction      ? 
_entity_src_gen.pdbx_host_org_strain               'BLR(DE3)pLysS' 
_entity_src_gen.pdbx_host_org_variant              ? 
_entity_src_gen.pdbx_host_org_cell_line            ? 
_entity_src_gen.pdbx_host_org_atcc                 ? 
_entity_src_gen.pdbx_host_org_culture_collection   ? 
_entity_src_gen.pdbx_host_org_cell                 ? 
_entity_src_gen.pdbx_host_org_organelle            ? 
_entity_src_gen.pdbx_host_org_cellular_location    ? 
_entity_src_gen.pdbx_host_org_vector_type          plasmid 
_entity_src_gen.pdbx_host_org_vector               ? 
_entity_src_gen.host_org_details                   ? 
_entity_src_gen.expression_system_id               ? 
_entity_src_gen.plasmid_name                       'pET-31b(+)' 
_entity_src_gen.plasmid_details                    ? 
_entity_src_gen.pdbx_description                   ? 
# 
loop_
_chem_comp.id 
_chem_comp.type 
_chem_comp.mon_nstd_flag 
_chem_comp.name 
_chem_comp.pdbx_synonyms 
_chem_comp.formula 
_chem_comp.formula_weight 
ALA 'L-peptide linking' y ALANINE         ? 'C3 H7 N O2'     89.093  
ARG 'L-peptide linking' y ARGININE        ? 'C6 H15 N4 O2 1' 175.209 
GLN 'L-peptide linking' y GLUTAMINE       ? 'C5 H10 N2 O3'   146.144 
GLU 'L-peptide linking' y 'GLUTAMIC ACID' ? 'C5 H9 N O4'     147.129 
GLY 'peptide linking'   y GLYCINE         ? 'C2 H5 N O2'     75.067  
ILE 'L-peptide linking' y ISOLEUCINE      ? 'C6 H13 N O2'    131.173 
LEU 'L-peptide linking' y LEUCINE         ? 'C6 H13 N O2'    131.173 
LYS 'L-peptide linking' y LYSINE          ? 'C6 H15 N2 O2 1' 147.195 
MET 'L-peptide linking' y METHIONINE      ? 'C5 H11 N O2 S'  149.211 
PRO 'L-peptide linking' y PROLINE         ? 'C5 H9 N O2'     115.130 
SER 'L-peptide linking' y SERINE          ? 'C3 H7 N O3'     105.093 
TRP 'L-peptide linking' y TRYPTOPHAN      ? 'C11 H12 N2 O2'  204.225 
TYR 'L-peptide linking' y TYROSINE        ? 'C9 H11 N O3'    181.189 
VAL 'L-peptide linking' y VALINE          ? 'C5 H11 N O2'    117.146 
# 
loop_
_pdbx_poly_seq_scheme.asym_id 
_pdbx_poly_seq_scheme.entity_id 
_pdbx_poly_seq_scheme.seq_id 
_pdbx_poly_seq_scheme.mon_id 
_pdbx_poly_seq_scheme.ndb_seq_num 
_pdbx_poly_seq_scheme.pdb_seq_num 
_pdbx_poly_seq_scheme.auth_seq_num 
_pdbx_poly_seq_scheme.pdb_mon_id 
_pdbx_poly_seq_scheme.auth_mon_id 
_pdbx_poly_seq_scheme.pdb_strand_id 
_pdbx_poly_seq_scheme.pdb_ins_code 
_pdbx_poly_seq_scheme.hetero 
A 1 1  MET 1  1  ?  ?   ?   A . n 
A 1 2  GLN 2  2  ?  ?   ?   A . n 
A 1 3  PRO 3  3  ?  ?   ?   A . n 
A 1 4  ILE 4  4  ?  ?   ?   A . n 
A 1 5  GLN 5  5  ?  ?   ?   A . n 
A 1 6  ILE 6  6  ?  ?   ?   A . n 
A 1 7  ALA 7  7  7  ALA ALA A . n 
A 1 8  ILE 8  8  8  ILE ILE A . n 
A 1 9  VAL 9  9  9  VAL VAL A . n 
A 1 10 ALA 10 10 10 ALA ALA A . n 
A 1 11 LEU 11 11 11 LEU LEU A . n 
A 1 12 VAL 12 12 12 VAL VAL A . n 
A 1 13 VAL 13 13 13 VAL VAL A . n 
A 1 14 ALA 14 14 14 ALA ALA A . n 
A 1 15 ILE 15 15 15 ILE ILE A . n 
A 1 16 ILE 16 16 16 ILE ILE A . n 
A 1 17 ILE 17 17 17 ILE ILE A . n 
A 1 18 ALA 18 18 18 ALA ALA A . n 
A 1 19 ILE 19 19 19 ILE ILE A . n 
A 1 20 VAL 20 20 20 VAL VAL A . n 
A 1 21 VAL 21 21 21 VAL VAL A . n 
A 1 22 TRP 22 22 22 TRP TRP A . n 
A 1 23 SER 23 23 23 SER SER A . n 
A 1 24 ILE 24 24 24 ILE ILE A . n 
A 1 25 VAL 25 25 25 VAL VAL A . n 
A 1 26 ILE 26 26 ?  ?   ?   A . n 
A 1 27 ILE 27 27 ?  ?   ?   A . n 
A 1 28 GLU 28 28 ?  ?   ?   A . n 
A 1 29 GLY 29 29 ?  ?   ?   A . n 
A 1 30 ARG 30 30 ?  ?   ?   A . n 
A 1 31 GLY 31 31 ?  ?   ?   A . n 
A 1 32 GLY 32 32 ?  ?   ?   A . n 
A 1 33 LYS 33 33 ?  ?   ?   A . n 
A 1 34 LYS 34 34 ?  ?   ?   A . n 
A 1 35 LYS 35 35 ?  ?   ?   A . n 
A 1 36 LYS 36 36 ?  ?   ?   A . n 
# 
loop_
_pdbx_unobs_or_zero_occ_atoms.id 
_pdbx_unobs_or_zero_occ_atoms.PDB_model_num 
_pdbx_unobs_or_zero_occ_atoms.polymer_flag 
_pdbx_unobs_or_zero_occ_atoms.occupancy_flag 
_pdbx_unobs_or_zero_occ_atoms.auth_asym_id 
_pdbx_unobs_or_zero_occ_atoms.auth_comp_id 
_pdbx_unobs_or_zero_occ_atoms.auth_seq_id 
_pdbx_unobs_or_zero_occ_atoms.PDB_ins_code 
_pdbx_unobs_or_zero_occ_atoms.auth_atom_id 
_pdbx_unobs_or_zero_occ_atoms.label_alt_id 
_pdbx_unobs_or_zero_occ_atoms.label_asym_id 
_pdbx_unobs_or_zero_occ_atoms.label_comp_id 
_pdbx_unobs_or_zero_occ_atoms.label_seq_id 
_pdbx_unobs_or_zero_occ_atoms.label_atom_id 
1  1 Y 1 A ALA 7  ? N   ? A ALA 7  N   
2  1 Y 1 A ALA 7  ? CB  ? A ALA 7  CB  
3  1 Y 1 A ILE 8  ? CB  ? A ILE 8  CB  
4  1 Y 1 A ILE 8  ? CG1 ? A ILE 8  CG1 
5  1 Y 1 A ILE 8  ? CG2 ? A ILE 8  CG2 
6  1 Y 1 A ILE 8  ? CD1 ? A ILE 8  CD1 
7  1 Y 1 A VAL 9  ? CB  ? A VAL 9  CB  
8  1 Y 1 A VAL 9  ? CG1 ? A VAL 9  CG1 
9  1 Y 1 A VAL 9  ? CG2 ? A VAL 9  CG2 
10 1 Y 1 A ALA 10 ? CB  ? A ALA 10 CB  
11 1 Y 1 A LEU 11 ? CB  ? A LEU 11 CB  
12 1 Y 1 A LEU 11 ? CG  ? A LEU 11 CG  
13 1 Y 1 A LEU 11 ? CD1 ? A LEU 11 CD1 
14 1 Y 1 A LEU 11 ? CD2 ? A LEU 11 CD2 
15 1 Y 1 A VAL 12 ? CB  ? A VAL 12 CB  
16 1 Y 1 A VAL 12 ? CG1 ? A VAL 12 CG1 
17 1 Y 1 A VAL 12 ? CG2 ? A VAL 12 CG2 
18 1 Y 1 A VAL 13 ? CB  ? A VAL 13 CB  
19 1 Y 1 A VAL 13 ? CG1 ? A VAL 13 CG1 
20 1 Y 1 A VAL 13 ? CG2 ? A VAL 13 CG2 
21 1 Y 1 A ALA 14 ? CB  ? A ALA 14 CB  
22 1 Y 1 A ILE 15 ? CB  ? A ILE 15 CB  
23 1 Y 1 A ILE 15 ? CG1 ? A ILE 15 CG1 
24 1 Y 1 A ILE 15 ? CG2 ? A ILE 15 CG2 
25 1 Y 1 A ILE 15 ? CD1 ? A ILE 15 CD1 
26 1 Y 1 A ILE 16 ? CB  ? A ILE 16 CB  
27 1 Y 1 A ILE 16 ? CG1 ? A ILE 16 CG1 
28 1 Y 1 A ILE 16 ? CG2 ? A ILE 16 CG2 
29 1 Y 1 A ILE 16 ? CD1 ? A ILE 16 CD1 
30 1 Y 1 A ILE 17 ? CB  ? A ILE 17 CB  
31 1 Y 1 A ILE 17 ? CG1 ? A ILE 17 CG1 
32 1 Y 1 A ILE 17 ? CG2 ? A ILE 17 CG2 
33 1 Y 1 A ILE 17 ? CD1 ? A ILE 17 CD1 
34 1 Y 1 A ALA 18 ? CB  ? A ALA 18 CB  
35 1 Y 1 A ILE 19 ? CB  ? A ILE 19 CB  
36 1 Y 1 A ILE 19 ? CG1 ? A ILE 19 CG1 
37 1 Y 1 A ILE 19 ? CG2 ? A ILE 19 CG2 
38 1 Y 1 A ILE 19 ? CD1 ? A ILE 19 CD1 
39 1 Y 1 A VAL 20 ? CB  ? A VAL 20 CB  
40 1 Y 1 A VAL 20 ? CG1 ? A VAL 20 CG1 
41 1 Y 1 A VAL 20 ? CG2 ? A VAL 20 CG2 
42 1 Y 1 A VAL 21 ? CB  ? A VAL 21 CB  
43 1 Y 1 A VAL 21 ? CG1 ? A VAL 21 CG1 
44 1 Y 1 A VAL 21 ? CG2 ? A VAL 21 CG2 
45 1 Y 1 A TRP 22 ? CB  ? A TRP 22 CB  
46 1 Y 1 A TRP 22 ? CG  ? A TRP 22 CG  
47 1 Y 1 A TRP 22 ? CD1 ? A TRP 22 CD1 
48 1 Y 1 A TRP 22 ? CD2 ? A TRP 22 CD2 
49 1 Y 1 A TRP 22 ? NE1 ? A TRP 22 NE1 
50 1 Y 1 A TRP 22 ? CE2 ? A TRP 22 CE2 
51 1 Y 1 A TRP 22 ? CE3 ? A TRP 22 CE3 
52 1 Y 1 A TRP 22 ? CZ2 ? A TRP 22 CZ2 
53 1 Y 1 A TRP 22 ? CZ3 ? A TRP 22 CZ3 
54 1 Y 1 A TRP 22 ? CH2 ? A TRP 22 CH2 
55 1 Y 1 A SER 23 ? CB  ? A SER 23 CB  
56 1 Y 1 A SER 23 ? OG  ? A SER 23 OG  
57 1 Y 1 A ILE 24 ? CB  ? A ILE 24 CB  
58 1 Y 1 A ILE 24 ? CG1 ? A ILE 24 CG1 
59 1 Y 1 A ILE 24 ? CG2 ? A ILE 24 CG2 
60 1 Y 1 A ILE 24 ? CD1 ? A ILE 24 CD1 
61 1 Y 1 A VAL 25 ? C   ? A VAL 25 C   
62 1 Y 1 A VAL 25 ? O   ? A VAL 25 O   
63 1 Y 1 A VAL 25 ? CB  ? A VAL 25 CB  
64 1 Y 1 A VAL 25 ? CG1 ? A VAL 25 CG1 
65 1 Y 1 A VAL 25 ? CG2 ? A VAL 25 CG2 
# 
_exptl.entry_id          1PJE 
_exptl.method            'SOLID-STATE NMR' 
_exptl.crystals_number   ? 
# 
_exptl_crystal.id                    1 
_exptl_crystal.density_meas          ? 
_exptl_crystal.density_Matthews      ? 
_exptl_crystal.density_percent_sol   ? 
_exptl_crystal.description           ? 
# 
_diffrn.id                     1 
_diffrn.ambient_temp           ? 
_diffrn.ambient_temp_details   ? 
_diffrn.crystal_id             1 
# 
_diffrn_radiation.diffrn_id                        1 
_diffrn_radiation.wavelength_id                    1 
_diffrn_radiation.pdbx_monochromatic_or_laue_m_l   M 
_diffrn_radiation.monochromator                    ? 
_diffrn_radiation.pdbx_diffrn_protocol             'SINGLE WAVELENGTH' 
_diffrn_radiation.pdbx_scattering_type             ? 
# 
_diffrn_radiation_wavelength.id           1 
_diffrn_radiation_wavelength.wavelength   . 
_diffrn_radiation_wavelength.wt           1.0 
# 
_struct.entry_id                  1PJE 
_struct.title                     
;Structure of the channel-forming trans-membrane domain of Virus protein "u"(Vpu) from HIV-1
;
_struct.pdbx_model_details        ? 
_struct.pdbx_CASP_flag            ? 
_struct.pdbx_model_type_details   ? 
# 
_struct_keywords.entry_id        1PJE 
_struct_keywords.pdbx_keywords   'VIRAL PROTEIN' 
_struct_keywords.text            'ALPHA-HELIX, Viral protein' 
# 
_struct_asym.id                            A 
_struct_asym.pdbx_blank_PDB_chainid_flag   N 
_struct_asym.pdbx_modified                 N 
_struct_asym.entity_id                     1 
_struct_asym.details                       ? 
# 
_struct_ref.id                         1 
_struct_ref.db_name                    UNP 
_struct_ref.db_code                    VPU_HV1LW 
_struct_ref.pdbx_db_accession          Q70625 
_struct_ref.entity_id                  1 
_struct_ref.pdbx_seq_one_letter_code   MQPIQIAIVALVVAIIIAIVVWSIVIIEYR 
_struct_ref.pdbx_align_begin           1 
_struct_ref.pdbx_db_isoform            ? 
# 
_struct_ref_seq.align_id                      1 
_struct_ref_seq.ref_id                        1 
_struct_ref_seq.pdbx_PDB_id_code              1PJE 
_struct_ref_seq.pdbx_strand_id                A 
_struct_ref_seq.seq_align_beg                 1 
_struct_ref_seq.pdbx_seq_align_beg_ins_code   ? 
_struct_ref_seq.seq_align_end                 30 
_struct_ref_seq.pdbx_seq_align_end_ins_code   ? 
_struct_ref_seq.pdbx_db_accession             Q70625 
_struct_ref_seq.db_align_beg                  1 
_struct_ref_seq.pdbx_db_align_beg_ins_code    ? 
_struct_ref_seq.db_align_end                  30 
_struct_ref_seq.pdbx_db_align_end_ins_code    ? 
_struct_ref_seq.pdbx_auth_seq_align_beg       1 
_struct_ref_seq.pdbx_auth_seq_align_end       30 
# 
loop_
_struct_ref_seq_dif.align_id 
_struct_ref_seq_dif.pdbx_pdb_id_code 
_struct_ref_seq_dif.mon_id 
_struct_ref_seq_dif.pdbx_pdb_strand_id 
_struct_ref_seq_dif.seq_num 
_struct_ref_seq_dif.pdbx_pdb_ins_code 
_struct_ref_seq_dif.pdbx_seq_db_name 
_struct_ref_seq_dif.pdbx_seq_db_accession_code 
_struct_ref_seq_dif.db_mon_id 
_struct_ref_seq_dif.pdbx_seq_db_seq_num 
_struct_ref_seq_dif.details 
_struct_ref_seq_dif.pdbx_auth_seq_num 
_struct_ref_seq_dif.pdbx_ordinal 
1 1PJE GLY A 29 ? UNP Q70625 TYR 29 'engineered mutation' 29 1 
1 1PJE GLY A 31 ? UNP Q70625 ?   ?  'cloning artifact'    31 2 
1 1PJE GLY A 32 ? UNP Q70625 ?   ?  'cloning artifact'    32 3 
1 1PJE LYS A 33 ? UNP Q70625 ?   ?  'cloning artifact'    33 4 
1 1PJE LYS A 34 ? UNP Q70625 ?   ?  'cloning artifact'    34 5 
1 1PJE LYS A 35 ? UNP Q70625 ?   ?  'cloning artifact'    35 6 
1 1PJE LYS A 36 ? UNP Q70625 ?   ?  'cloning artifact'    36 7 
# 
_pdbx_struct_assembly.id                   1 
_pdbx_struct_assembly.details              author_defined_assembly 
_pdbx_struct_assembly.method_details       ? 
_pdbx_struct_assembly.oligomeric_details   monomeric 
_pdbx_struct_assembly.oligomeric_count     1 
# 
_pdbx_struct_assembly_gen.assembly_id       1 
_pdbx_struct_assembly_gen.oper_expression   1 
_pdbx_struct_assembly_gen.asym_id_list      A 
# 
_pdbx_struct_oper_list.id                   1 
_pdbx_struct_oper_list.type                 'identity operation' 
_pdbx_struct_oper_list.name                 1_555 
_pdbx_struct_oper_list.symmetry_operation   ? 
_pdbx_struct_oper_list.matrix[1][1]         1.0000000000 
_pdbx_struct_oper_list.matrix[1][2]         0.0000000000 
_pdbx_struct_oper_list.matrix[1][3]         0.0000000000 
_pdbx_struct_oper_list.vector[1]            0.0000000000 
_pdbx_struct_oper_list.matrix[2][1]         0.0000000000 
_pdbx_struct_oper_list.matrix[2][2]         1.0000000000 
_pdbx_struct_oper_list.matrix[2][3]         0.0000000000 
_pdbx_struct_oper_list.vector[2]            0.0000000000 
_pdbx_struct_oper_list.matrix[3][1]         0.0000000000 
_pdbx_struct_oper_list.matrix[3][2]         0.0000000000 
_pdbx_struct_oper_list.matrix[3][3]         1.0000000000 
_pdbx_struct_oper_list.vector[3]            0.0000000000 
# 
_struct_biol.id   1 
# 
_struct_conf.conf_type_id            HELX_P 
_struct_conf.id                      HELX_P1 
_struct_conf.pdbx_PDB_helix_id       1 
_struct_conf.beg_label_comp_id       ILE 
_struct_conf.beg_label_asym_id       A 
_struct_conf.beg_label_seq_id        8 
_struct_conf.pdbx_beg_PDB_ins_code   ? 
_struct_conf.end_label_comp_id       VAL 
_struct_conf.end_label_asym_id       A 
_struct_conf.end_label_seq_id        25 
_struct_conf.pdbx_end_PDB_ins_code   ? 
_struct_conf.beg_auth_comp_id        ILE 
_struct_conf.beg_auth_asym_id        A 
_struct_conf.beg_auth_seq_id         8 
_struct_conf.end_auth_comp_id        VAL 
_struct_conf.end_auth_asym_id        A 
_struct_conf.end_auth_seq_id         25 
_struct_conf.pdbx_PDB_helix_class    1 
_struct_conf.details                 ? 
_struct_conf.pdbx_PDB_helix_length   18 
# 
_struct_conf_type.id          HELX_P 
_struct_conf_type.criteria    ? 
_struct_conf_type.reference   ? 
# 
loop_
_pdbx_validate_close_contact.id 
_pdbx_validate_close_contact.PDB_model_num 
_pdbx_validate_close_contact.auth_atom_id_1 
_pdbx_validate_close_contact.auth_asym_id_1 
_pdbx_validate_close_contact.auth_comp_id_1 
_pdbx_validate_close_contact.auth_seq_id_1 
_pdbx_validate_close_contact.PDB_ins_code_1 
_pdbx_validate_close_contact.label_alt_id_1 
_pdbx_validate_close_contact.auth_atom_id_2 
_pdbx_validate_close_contact.auth_asym_id_2 
_pdbx_validate_close_contact.auth_comp_id_2 
_pdbx_validate_close_contact.auth_seq_id_2 
_pdbx_validate_close_contact.PDB_ins_code_2 
_pdbx_validate_close_contact.label_alt_id_2 
_pdbx_validate_close_contact.dist 
1 1 O A LEU 11 ? ? H A ILE 15 ? ? 1.38 
2 1 O A ALA 18 ? ? H A TRP 22 ? ? 1.46 
# 
_pdbx_nmr_ensemble.entry_id                                      1PJE 
_pdbx_nmr_ensemble.conformers_calculated_total_number            100 
_pdbx_nmr_ensemble.conformers_submitted_total_number             1 
_pdbx_nmr_ensemble.conformer_selection_criteria                  'minimized average structure' 
_pdbx_nmr_ensemble.average_constraints_per_residue               ? 
_pdbx_nmr_ensemble.average_constraint_violations_per_residue     ? 
_pdbx_nmr_ensemble.maximum_distance_constraint_violation         ? 
_pdbx_nmr_ensemble.average_distance_constraint_violation         ? 
_pdbx_nmr_ensemble.maximum_upper_distance_constraint_violation   ? 
_pdbx_nmr_ensemble.maximum_lower_distance_constraint_violation   ? 
_pdbx_nmr_ensemble.distance_constraint_violation_method          ? 
_pdbx_nmr_ensemble.maximum_torsion_angle_constraint_violation    ? 
_pdbx_nmr_ensemble.average_torsion_angle_constraint_violation    ? 
_pdbx_nmr_ensemble.torsion_angle_constraint_violation_method     ? 
# 
_pdbx_nmr_representative.entry_id             1PJE 
_pdbx_nmr_representative.conformer_id         1 
_pdbx_nmr_representative.selection_criteria   'minimized average structure' 
# 
_pdbx_nmr_sample_details.solution_id      1 
_pdbx_nmr_sample_details.contents         
'Completely aligned sample in glass plates: 3.5 mg Vpu2-30+ U-15N, 75 mg lipid mixture (DOPC:DOPG, 9:1)' 
_pdbx_nmr_sample_details.solvent_system   ? 
# 
_pdbx_nmr_exptl_sample_conditions.conditions_id       1 
_pdbx_nmr_exptl_sample_conditions.temperature         293 
_pdbx_nmr_exptl_sample_conditions.pressure            ambient 
_pdbx_nmr_exptl_sample_conditions.pH                  7.0 
_pdbx_nmr_exptl_sample_conditions.ionic_strength      ? 
_pdbx_nmr_exptl_sample_conditions.pressure_units      ? 
_pdbx_nmr_exptl_sample_conditions.temperature_units   K 
# 
_pdbx_nmr_exptl.experiment_id   1 
_pdbx_nmr_exptl.solution_id     1 
_pdbx_nmr_exptl.conditions_id   1 
_pdbx_nmr_exptl.type            PISEMA 
# 
_pdbx_nmr_details.entry_id   1PJE 
_pdbx_nmr_details.text       'PISEMA: Polarization Inversion Spin Exchange at the Magic Angle' 
# 
_pdbx_nmr_refine.entry_id           1PJE 
_pdbx_nmr_refine.method             'Direct structural fitting of 2D solid-state NMR data' 
_pdbx_nmr_refine.details            
;This structure was calculated by using a structural fitting algorithm that finds torsion angles between consecutive residues based on their NMR frequencies
;
_pdbx_nmr_refine.software_ordinal   1 
# 
loop_
_pdbx_nmr_software.name 
_pdbx_nmr_software.version 
_pdbx_nmr_software.classification 
_pdbx_nmr_software.authors 
_pdbx_nmr_software.ordinal 
NMRPipe              2.1 processing           'Delaglio, Grzesiek, Vuister, Zhu, Pfeifer, Bax' 1 
'Structural Fitting' 1.0 'structure solution' 'Nevzorov, Opella'                               2 
'Structural Fitting' 1.0 refinement           'Nevzorov, Opella'                               3 
# 
loop_
_pdbx_unobs_or_zero_occ_residues.id 
_pdbx_unobs_or_zero_occ_residues.PDB_model_num 
_pdbx_unobs_or_zero_occ_residues.polymer_flag 
_pdbx_unobs_or_zero_occ_residues.occupancy_flag 
_pdbx_unobs_or_zero_occ_residues.auth_asym_id 
_pdbx_unobs_or_zero_occ_residues.auth_comp_id 
_pdbx_unobs_or_zero_occ_residues.auth_seq_id 
_pdbx_unobs_or_zero_occ_residues.PDB_ins_code 
_pdbx_unobs_or_zero_occ_residues.label_asym_id 
_pdbx_unobs_or_zero_occ_residues.label_comp_id 
_pdbx_unobs_or_zero_occ_residues.label_seq_id 
1  1 Y 1 A MET 1  ? A MET 1  
2  1 Y 1 A GLN 2  ? A GLN 2  
3  1 Y 1 A PRO 3  ? A PRO 3  
4  1 Y 1 A ILE 4  ? A ILE 4  
5  1 Y 1 A GLN 5  ? A GLN 5  
6  1 Y 1 A ILE 6  ? A ILE 6  
7  1 Y 1 A ILE 26 ? A ILE 26 
8  1 Y 1 A ILE 27 ? A ILE 27 
9  1 Y 1 A GLU 28 ? A GLU 28 
10 1 Y 1 A GLY 29 ? A GLY 29 
11 1 Y 1 A ARG 30 ? A ARG 30 
12 1 Y 1 A GLY 31 ? A GLY 31 
13 1 Y 1 A GLY 32 ? A GLY 32 
14 1 Y 1 A LYS 33 ? A LYS 33 
15 1 Y 1 A LYS 34 ? A LYS 34 
16 1 Y 1 A LYS 35 ? A LYS 35 
17 1 Y 1 A LYS 36 ? A LYS 36 
# 
loop_
_chem_comp_atom.comp_id 
_chem_comp_atom.atom_id 
_chem_comp_atom.type_symbol 
_chem_comp_atom.pdbx_aromatic_flag 
_chem_comp_atom.pdbx_stereo_config 
_chem_comp_atom.pdbx_ordinal 
ALA N    N N N 1   
ALA CA   C N S 2   
ALA C    C N N 3   
ALA O    O N N 4   
ALA CB   C N N 5   
ALA OXT  O N N 6   
ALA H    H N N 7   
ALA H2   H N N 8   
ALA HA   H N N 9   
ALA HB1  H N N 10  
ALA HB2  H N N 11  
ALA HB3  H N N 12  
ALA HXT  H N N 13  
ARG N    N N N 14  
ARG CA   C N S 15  
ARG C    C N N 16  
ARG O    O N N 17  
ARG CB   C N N 18  
ARG CG   C N N 19  
ARG CD   C N N 20  
ARG NE   N N N 21  
ARG CZ   C N N 22  
ARG NH1  N N N 23  
ARG NH2  N N N 24  
ARG OXT  O N N 25  
ARG H    H N N 26  
ARG H2   H N N 27  
ARG HA   H N N 28  
ARG HB2  H N N 29  
ARG HB3  H N N 30  
ARG HG2  H N N 31  
ARG HG3  H N N 32  
ARG HD2  H N N 33  
ARG HD3  H N N 34  
ARG HE   H N N 35  
ARG HH11 H N N 36  
ARG HH12 H N N 37  
ARG HH21 H N N 38  
ARG HH22 H N N 39  
ARG HXT  H N N 40  
GLN N    N N N 41  
GLN CA   C N S 42  
GLN C    C N N 43  
GLN O    O N N 44  
GLN CB   C N N 45  
GLN CG   C N N 46  
GLN CD   C N N 47  
GLN OE1  O N N 48  
GLN NE2  N N N 49  
GLN OXT  O N N 50  
GLN H    H N N 51  
GLN H2   H N N 52  
GLN HA   H N N 53  
GLN HB2  H N N 54  
GLN HB3  H N N 55  
GLN HG2  H N N 56  
GLN HG3  H N N 57  
GLN HE21 H N N 58  
GLN HE22 H N N 59  
GLN HXT  H N N 60  
GLU N    N N N 61  
GLU CA   C N S 62  
GLU C    C N N 63  
GLU O    O N N 64  
GLU CB   C N N 65  
GLU CG   C N N 66  
GLU CD   C N N 67  
GLU OE1  O N N 68  
GLU OE2  O N N 69  
GLU OXT  O N N 70  
GLU H    H N N 71  
GLU H2   H N N 72  
GLU HA   H N N 73  
GLU HB2  H N N 74  
GLU HB3  H N N 75  
GLU HG2  H N N 76  
GLU HG3  H N N 77  
GLU HE2  H N N 78  
GLU HXT  H N N 79  
GLY N    N N N 80  
GLY CA   C N N 81  
GLY C    C N N 82  
GLY O    O N N 83  
GLY OXT  O N N 84  
GLY H    H N N 85  
GLY H2   H N N 86  
GLY HA2  H N N 87  
GLY HA3  H N N 88  
GLY HXT  H N N 89  
ILE N    N N N 90  
ILE CA   C N S 91  
ILE C    C N N 92  
ILE O    O N N 93  
ILE CB   C N S 94  
ILE CG1  C N N 95  
ILE CG2  C N N 96  
ILE CD1  C N N 97  
ILE OXT  O N N 98  
ILE H    H N N 99  
ILE H2   H N N 100 
ILE HA   H N N 101 
ILE HB   H N N 102 
ILE HG12 H N N 103 
ILE HG13 H N N 104 
ILE HG21 H N N 105 
ILE HG22 H N N 106 
ILE HG23 H N N 107 
ILE HD11 H N N 108 
ILE HD12 H N N 109 
ILE HD13 H N N 110 
ILE HXT  H N N 111 
LEU N    N N N 112 
LEU CA   C N S 113 
LEU C    C N N 114 
LEU O    O N N 115 
LEU CB   C N N 116 
LEU CG   C N N 117 
LEU CD1  C N N 118 
LEU CD2  C N N 119 
LEU OXT  O N N 120 
LEU H    H N N 121 
LEU H2   H N N 122 
LEU HA   H N N 123 
LEU HB2  H N N 124 
LEU HB3  H N N 125 
LEU HG   H N N 126 
LEU HD11 H N N 127 
LEU HD12 H N N 128 
LEU HD13 H N N 129 
LEU HD21 H N N 130 
LEU HD22 H N N 131 
LEU HD23 H N N 132 
LEU HXT  H N N 133 
LYS N    N N N 134 
LYS CA   C N S 135 
LYS C    C N N 136 
LYS O    O N N 137 
LYS CB   C N N 138 
LYS CG   C N N 139 
LYS CD   C N N 140 
LYS CE   C N N 141 
LYS NZ   N N N 142 
LYS OXT  O N N 143 
LYS H    H N N 144 
LYS H2   H N N 145 
LYS HA   H N N 146 
LYS HB2  H N N 147 
LYS HB3  H N N 148 
LYS HG2  H N N 149 
LYS HG3  H N N 150 
LYS HD2  H N N 151 
LYS HD3  H N N 152 
LYS HE2  H N N 153 
LYS HE3  H N N 154 
LYS HZ1  H N N 155 
LYS HZ2  H N N 156 
LYS HZ3  H N N 157 
LYS HXT  H N N 158 
MET N    N N N 159 
MET CA   C N S 160 
MET C    C N N 161 
MET O    O N N 162 
MET CB   C N N 163 
MET CG   C N N 164 
MET SD   S N N 165 
MET CE   C N N 166 
MET OXT  O N N 167 
MET H    H N N 168 
MET H2   H N N 169 
MET HA   H N N 170 
MET HB2  H N N 171 
MET HB3  H N N 172 
MET HG2  H N N 173 
MET HG3  H N N 174 
MET HE1  H N N 175 
MET HE2  H N N 176 
MET HE3  H N N 177 
MET HXT  H N N 178 
PRO N    N N N 179 
PRO CA   C N S 180 
PRO C    C N N 181 
PRO O    O N N 182 
PRO CB   C N N 183 
PRO CG   C N N 184 
PRO CD   C N N 185 
PRO OXT  O N N 186 
PRO H    H N N 187 
PRO HA   H N N 188 
PRO HB2  H N N 189 
PRO HB3  H N N 190 
PRO HG2  H N N 191 
PRO HG3  H N N 192 
PRO HD2  H N N 193 
PRO HD3  H N N 194 
PRO HXT  H N N 195 
SER N    N N N 196 
SER CA   C N S 197 
SER C    C N N 198 
SER O    O N N 199 
SER CB   C N N 200 
SER OG   O N N 201 
SER OXT  O N N 202 
SER H    H N N 203 
SER H2   H N N 204 
SER HA   H N N 205 
SER HB2  H N N 206 
SER HB3  H N N 207 
SER HG   H N N 208 
SER HXT  H N N 209 
TRP N    N N N 210 
TRP CA   C N S 211 
TRP C    C N N 212 
TRP O    O N N 213 
TRP CB   C N N 214 
TRP CG   C Y N 215 
TRP CD1  C Y N 216 
TRP CD2  C Y N 217 
TRP NE1  N Y N 218 
TRP CE2  C Y N 219 
TRP CE3  C Y N 220 
TRP CZ2  C Y N 221 
TRP CZ3  C Y N 222 
TRP CH2  C Y N 223 
TRP OXT  O N N 224 
TRP H    H N N 225 
TRP H2   H N N 226 
TRP HA   H N N 227 
TRP HB2  H N N 228 
TRP HB3  H N N 229 
TRP HD1  H N N 230 
TRP HE1  H N N 231 
TRP HE3  H N N 232 
TRP HZ2  H N N 233 
TRP HZ3  H N N 234 
TRP HH2  H N N 235 
TRP HXT  H N N 236 
TYR N    N N N 237 
TYR CA   C N S 238 
TYR C    C N N 239 
TYR O    O N N 240 
TYR CB   C N N 241 
TYR CG   C Y N 242 
TYR CD1  C Y N 243 
TYR CD2  C Y N 244 
TYR CE1  C Y N 245 
TYR CE2  C Y N 246 
TYR CZ   C Y N 247 
TYR OH   O N N 248 
TYR OXT  O N N 249 
TYR H    H N N 250 
TYR H2   H N N 251 
TYR HA   H N N 252 
TYR HB2  H N N 253 
TYR HB3  H N N 254 
TYR HD1  H N N 255 
TYR HD2  H N N 256 
TYR HE1  H N N 257 
TYR HE2  H N N 258 
TYR HH   H N N 259 
TYR HXT  H N N 260 
VAL N    N N N 261 
VAL CA   C N S 262 
VAL C    C N N 263 
VAL O    O N N 264 
VAL CB   C N N 265 
VAL CG1  C N N 266 
VAL CG2  C N N 267 
VAL OXT  O N N 268 
VAL H    H N N 269 
VAL H2   H N N 270 
VAL HA   H N N 271 
VAL HB   H N N 272 
VAL HG11 H N N 273 
VAL HG12 H N N 274 
VAL HG13 H N N 275 
VAL HG21 H N N 276 
VAL HG22 H N N 277 
VAL HG23 H N N 278 
VAL HXT  H N N 279 
# 
loop_
_chem_comp_bond.comp_id 
_chem_comp_bond.atom_id_1 
_chem_comp_bond.atom_id_2 
_chem_comp_bond.value_order 
_chem_comp_bond.pdbx_aromatic_flag 
_chem_comp_bond.pdbx_stereo_config 
_chem_comp_bond.pdbx_ordinal 
ALA N   CA   sing N N 1   
ALA N   H    sing N N 2   
ALA N   H2   sing N N 3   
ALA CA  C    sing N N 4   
ALA CA  CB   sing N N 5   
ALA CA  HA   sing N N 6   
ALA C   O    doub N N 7   
ALA C   OXT  sing N N 8   
ALA CB  HB1  sing N N 9   
ALA CB  HB2  sing N N 10  
ALA CB  HB3  sing N N 11  
ALA OXT HXT  sing N N 12  
ARG N   CA   sing N N 13  
ARG N   H    sing N N 14  
ARG N   H2   sing N N 15  
ARG CA  C    sing N N 16  
ARG CA  CB   sing N N 17  
ARG CA  HA   sing N N 18  
ARG C   O    doub N N 19  
ARG C   OXT  sing N N 20  
ARG CB  CG   sing N N 21  
ARG CB  HB2  sing N N 22  
ARG CB  HB3  sing N N 23  
ARG CG  CD   sing N N 24  
ARG CG  HG2  sing N N 25  
ARG CG  HG3  sing N N 26  
ARG CD  NE   sing N N 27  
ARG CD  HD2  sing N N 28  
ARG CD  HD3  sing N N 29  
ARG NE  CZ   sing N N 30  
ARG NE  HE   sing N N 31  
ARG CZ  NH1  sing N N 32  
ARG CZ  NH2  doub N N 33  
ARG NH1 HH11 sing N N 34  
ARG NH1 HH12 sing N N 35  
ARG NH2 HH21 sing N N 36  
ARG NH2 HH22 sing N N 37  
ARG OXT HXT  sing N N 38  
GLN N   CA   sing N N 39  
GLN N   H    sing N N 40  
GLN N   H2   sing N N 41  
GLN CA  C    sing N N 42  
GLN CA  CB   sing N N 43  
GLN CA  HA   sing N N 44  
GLN C   O    doub N N 45  
GLN C   OXT  sing N N 46  
GLN CB  CG   sing N N 47  
GLN CB  HB2  sing N N 48  
GLN CB  HB3  sing N N 49  
GLN CG  CD   sing N N 50  
GLN CG  HG2  sing N N 51  
GLN CG  HG3  sing N N 52  
GLN CD  OE1  doub N N 53  
GLN CD  NE2  sing N N 54  
GLN NE2 HE21 sing N N 55  
GLN NE2 HE22 sing N N 56  
GLN OXT HXT  sing N N 57  
GLU N   CA   sing N N 58  
GLU N   H    sing N N 59  
GLU N   H2   sing N N 60  
GLU CA  C    sing N N 61  
GLU CA  CB   sing N N 62  
GLU CA  HA   sing N N 63  
GLU C   O    doub N N 64  
GLU C   OXT  sing N N 65  
GLU CB  CG   sing N N 66  
GLU CB  HB2  sing N N 67  
GLU CB  HB3  sing N N 68  
GLU CG  CD   sing N N 69  
GLU CG  HG2  sing N N 70  
GLU CG  HG3  sing N N 71  
GLU CD  OE1  doub N N 72  
GLU CD  OE2  sing N N 73  
GLU OE2 HE2  sing N N 74  
GLU OXT HXT  sing N N 75  
GLY N   CA   sing N N 76  
GLY N   H    sing N N 77  
GLY N   H2   sing N N 78  
GLY CA  C    sing N N 79  
GLY CA  HA2  sing N N 80  
GLY CA  HA3  sing N N 81  
GLY C   O    doub N N 82  
GLY C   OXT  sing N N 83  
GLY OXT HXT  sing N N 84  
ILE N   CA   sing N N 85  
ILE N   H    sing N N 86  
ILE N   H2   sing N N 87  
ILE CA  C    sing N N 88  
ILE CA  CB   sing N N 89  
ILE CA  HA   sing N N 90  
ILE C   O    doub N N 91  
ILE C   OXT  sing N N 92  
ILE CB  CG1  sing N N 93  
ILE CB  CG2  sing N N 94  
ILE CB  HB   sing N N 95  
ILE CG1 CD1  sing N N 96  
ILE CG1 HG12 sing N N 97  
ILE CG1 HG13 sing N N 98  
ILE CG2 HG21 sing N N 99  
ILE CG2 HG22 sing N N 100 
ILE CG2 HG23 sing N N 101 
ILE CD1 HD11 sing N N 102 
ILE CD1 HD12 sing N N 103 
ILE CD1 HD13 sing N N 104 
ILE OXT HXT  sing N N 105 
LEU N   CA   sing N N 106 
LEU N   H    sing N N 107 
LEU N   H2   sing N N 108 
LEU CA  C    sing N N 109 
LEU CA  CB   sing N N 110 
LEU CA  HA   sing N N 111 
LEU C   O    doub N N 112 
LEU C   OXT  sing N N 113 
LEU CB  CG   sing N N 114 
LEU CB  HB2  sing N N 115 
LEU CB  HB3  sing N N 116 
LEU CG  CD1  sing N N 117 
LEU CG  CD2  sing N N 118 
LEU CG  HG   sing N N 119 
LEU CD1 HD11 sing N N 120 
LEU CD1 HD12 sing N N 121 
LEU CD1 HD13 sing N N 122 
LEU CD2 HD21 sing N N 123 
LEU CD2 HD22 sing N N 124 
LEU CD2 HD23 sing N N 125 
LEU OXT HXT  sing N N 126 
LYS N   CA   sing N N 127 
LYS N   H    sing N N 128 
LYS N   H2   sing N N 129 
LYS CA  C    sing N N 130 
LYS CA  CB   sing N N 131 
LYS CA  HA   sing N N 132 
LYS C   O    doub N N 133 
LYS C   OXT  sing N N 134 
LYS CB  CG   sing N N 135 
LYS CB  HB2  sing N N 136 
LYS CB  HB3  sing N N 137 
LYS CG  CD   sing N N 138 
LYS CG  HG2  sing N N 139 
LYS CG  HG3  sing N N 140 
LYS CD  CE   sing N N 141 
LYS CD  HD2  sing N N 142 
LYS CD  HD3  sing N N 143 
LYS CE  NZ   sing N N 144 
LYS CE  HE2  sing N N 145 
LYS CE  HE3  sing N N 146 
LYS NZ  HZ1  sing N N 147 
LYS NZ  HZ2  sing N N 148 
LYS NZ  HZ3  sing N N 149 
LYS OXT HXT  sing N N 150 
MET N   CA   sing N N 151 
MET N   H    sing N N 152 
MET N   H2   sing N N 153 
MET CA  C    sing N N 154 
MET CA  CB   sing N N 155 
MET CA  HA   sing N N 156 
MET C   O    doub N N 157 
MET C   OXT  sing N N 158 
MET CB  CG   sing N N 159 
MET CB  HB2  sing N N 160 
MET CB  HB3  sing N N 161 
MET CG  SD   sing N N 162 
MET CG  HG2  sing N N 163 
MET CG  HG3  sing N N 164 
MET SD  CE   sing N N 165 
MET CE  HE1  sing N N 166 
MET CE  HE2  sing N N 167 
MET CE  HE3  sing N N 168 
MET OXT HXT  sing N N 169 
PRO N   CA   sing N N 170 
PRO N   CD   sing N N 171 
PRO N   H    sing N N 172 
PRO CA  C    sing N N 173 
PRO CA  CB   sing N N 174 
PRO CA  HA   sing N N 175 
PRO C   O    doub N N 176 
PRO C   OXT  sing N N 177 
PRO CB  CG   sing N N 178 
PRO CB  HB2  sing N N 179 
PRO CB  HB3  sing N N 180 
PRO CG  CD   sing N N 181 
PRO CG  HG2  sing N N 182 
PRO CG  HG3  sing N N 183 
PRO CD  HD2  sing N N 184 
PRO CD  HD3  sing N N 185 
PRO OXT HXT  sing N N 186 
SER N   CA   sing N N 187 
SER N   H    sing N N 188 
SER N   H2   sing N N 189 
SER CA  C    sing N N 190 
SER CA  CB   sing N N 191 
SER CA  HA   sing N N 192 
SER C   O    doub N N 193 
SER C   OXT  sing N N 194 
SER CB  OG   sing N N 195 
SER CB  HB2  sing N N 196 
SER CB  HB3  sing N N 197 
SER OG  HG   sing N N 198 
SER OXT HXT  sing N N 199 
TRP N   CA   sing N N 200 
TRP N   H    sing N N 201 
TRP N   H2   sing N N 202 
TRP CA  C    sing N N 203 
TRP CA  CB   sing N N 204 
TRP CA  HA   sing N N 205 
TRP C   O    doub N N 206 
TRP C   OXT  sing N N 207 
TRP CB  CG   sing N N 208 
TRP CB  HB2  sing N N 209 
TRP CB  HB3  sing N N 210 
TRP CG  CD1  doub Y N 211 
TRP CG  CD2  sing Y N 212 
TRP CD1 NE1  sing Y N 213 
TRP CD1 HD1  sing N N 214 
TRP CD2 CE2  doub Y N 215 
TRP CD2 CE3  sing Y N 216 
TRP NE1 CE2  sing Y N 217 
TRP NE1 HE1  sing N N 218 
TRP CE2 CZ2  sing Y N 219 
TRP CE3 CZ3  doub Y N 220 
TRP CE3 HE3  sing N N 221 
TRP CZ2 CH2  doub Y N 222 
TRP CZ2 HZ2  sing N N 223 
TRP CZ3 CH2  sing Y N 224 
TRP CZ3 HZ3  sing N N 225 
TRP CH2 HH2  sing N N 226 
TRP OXT HXT  sing N N 227 
TYR N   CA   sing N N 228 
TYR N   H    sing N N 229 
TYR N   H2   sing N N 230 
TYR CA  C    sing N N 231 
TYR CA  CB   sing N N 232 
TYR CA  HA   sing N N 233 
TYR C   O    doub N N 234 
TYR C   OXT  sing N N 235 
TYR CB  CG   sing N N 236 
TYR CB  HB2  sing N N 237 
TYR CB  HB3  sing N N 238 
TYR CG  CD1  doub Y N 239 
TYR CG  CD2  sing Y N 240 
TYR CD1 CE1  sing Y N 241 
TYR CD1 HD1  sing N N 242 
TYR CD2 CE2  doub Y N 243 
TYR CD2 HD2  sing N N 244 
TYR CE1 CZ   doub Y N 245 
TYR CE1 HE1  sing N N 246 
TYR CE2 CZ   sing Y N 247 
TYR CE2 HE2  sing N N 248 
TYR CZ  OH   sing N N 249 
TYR OH  HH   sing N N 250 
TYR OXT HXT  sing N N 251 
VAL N   CA   sing N N 252 
VAL N   H    sing N N 253 
VAL N   H2   sing N N 254 
VAL CA  C    sing N N 255 
VAL CA  CB   sing N N 256 
VAL CA  HA   sing N N 257 
VAL C   O    doub N N 258 
VAL C   OXT  sing N N 259 
VAL CB  CG1  sing N N 260 
VAL CB  CG2  sing N N 261 
VAL CB  HB   sing N N 262 
VAL CG1 HG11 sing N N 263 
VAL CG1 HG12 sing N N 264 
VAL CG1 HG13 sing N N 265 
VAL CG2 HG21 sing N N 266 
VAL CG2 HG22 sing N N 267 
VAL CG2 HG23 sing N N 268 
VAL OXT HXT  sing N N 269 
# 
_pdbx_nmr_spectrometer.spectrometer_id   1 
_pdbx_nmr_spectrometer.type              ? 
_pdbx_nmr_spectrometer.manufacturer      Bruker 
_pdbx_nmr_spectrometer.model             AVANCE 
_pdbx_nmr_spectrometer.field_strength    700 
# 
_atom_sites.entry_id                    1PJE 
_atom_sites.fract_transf_matrix[1][1]   1.000000 
_atom_sites.fract_transf_matrix[1][2]   0.000000 
_atom_sites.fract_transf_matrix[1][3]   0.000000 
_atom_sites.fract_transf_matrix[2][1]   0.000000 
_atom_sites.fract_transf_matrix[2][2]   1.000000 
_atom_sites.fract_transf_matrix[2][3]   0.000000 
_atom_sites.fract_transf_matrix[3][1]   0.000000 
_atom_sites.fract_transf_matrix[3][2]   0.000000 
_atom_sites.fract_transf_matrix[3][3]   1.000000 
_atom_sites.fract_transf_vector[1]      0.00000 
_atom_sites.fract_transf_vector[2]      0.00000 
_atom_sites.fract_transf_vector[3]      0.00000 
# 
loop_
_atom_type.symbol 
C 
H 
N 
O 
# 
loop_
_atom_site.group_PDB 
_atom_site.id 
_atom_site.type_symbol 
_atom_site.label_atom_id 
_atom_site.label_alt_id 
_atom_site.label_comp_id 
_atom_site.label_asym_id 
_atom_site.label_entity_id 
_atom_site.label_seq_id 
_atom_site.pdbx_PDB_ins_code 
_atom_site.Cartn_x 
_atom_site.Cartn_y 
_atom_site.Cartn_z 
_atom_site.occupancy 
_atom_site.B_iso_or_equiv 
_atom_site.pdbx_formal_charge 
_atom_site.auth_seq_id 
_atom_site.auth_comp_id 
_atom_site.auth_asym_id 
_atom_site.auth_atom_id 
_atom_site.pdbx_PDB_model_num 
ATOM 1  C CA . ALA A 1 7  ? 4.652  5.655  -10.956 1.00 0.00 ? 7  ALA A CA 1 
ATOM 2  C C  . ALA A 1 7  ? 3.921  4.434  -10.424 1.00 0.00 ? 7  ALA A C  1 
ATOM 3  O O  . ALA A 1 7  ? 2.779  4.526  -9.980  1.00 0.00 ? 7  ALA A O  1 
ATOM 4  N N  . ILE A 1 8  ? 4.598  3.290  -10.478 1.00 0.00 ? 8  ILE A N  1 
ATOM 5  C CA . ILE A 1 8  ? 4.040  2.035  -10.009 1.00 0.00 ? 8  ILE A CA 1 
ATOM 6  C C  . ILE A 1 8  ? 4.649  1.649  -8.672  1.00 0.00 ? 8  ILE A C  1 
ATOM 7  O O  . ILE A 1 8  ? 3.975  1.087  -7.810  1.00 0.00 ? 8  ILE A O  1 
ATOM 8  H H  . ILE A 1 8  ? 5.535  3.282  -10.856 1.00 0.00 ? 8  ILE A H  1 
ATOM 9  N N  . VAL A 1 9  ? 5.933  1.959  -8.513  1.00 0.00 ? 9  VAL A N  1 
ATOM 10 C CA . VAL A 1 9  ? 6.657  1.656  -7.295  1.00 0.00 ? 9  VAL A CA 1 
ATOM 11 C C  . VAL A 1 9  ? 6.076  2.430  -6.123  1.00 0.00 ? 9  VAL A C  1 
ATOM 12 O O  . VAL A 1 9  ? 5.813  1.867  -5.063  1.00 0.00 ? 9  VAL A O  1 
ATOM 13 H H  . VAL A 1 9  ? 6.429  2.420  -9.261  1.00 0.00 ? 9  VAL A H  1 
ATOM 14 N N  . ALA A 1 10 ? 5.881  3.729  -6.333  1.00 0.00 ? 10 ALA A N  1 
ATOM 15 C CA . ALA A 1 10 ? 5.333  4.604  -5.315  1.00 0.00 ? 10 ALA A CA 1 
ATOM 16 C C  . ALA A 1 10 ? 3.941  4.146  -4.910  1.00 0.00 ? 10 ALA A C  1 
ATOM 17 O O  . ALA A 1 10 ? 3.681  3.879  -3.739  1.00 0.00 ? 10 ALA A O  1 
ATOM 18 H H  . ALA A 1 10 ? 6.120  4.130  -7.229  1.00 0.00 ? 10 ALA A H  1 
ATOM 19 N N  . LEU A 1 11 ? 3.056  4.060  -5.898  1.00 0.00 ? 11 LEU A N  1 
ATOM 20 C CA . LEU A 1 11 ? 1.687  3.639  -5.676  1.00 0.00 ? 11 LEU A CA 1 
ATOM 21 C C  . LEU A 1 11 ? 1.652  2.255  -5.049  1.00 0.00 ? 11 LEU A C  1 
ATOM 22 O O  . LEU A 1 11 ? 1.081  2.063  -3.977  1.00 0.00 ? 11 LEU A O  1 
ATOM 23 H H  . LEU A 1 11 ? 3.336  4.296  -6.839  1.00 0.00 ? 11 LEU A H  1 
ATOM 24 N N  . VAL A 1 12 ? 2.270  1.297  -5.733  1.00 0.00 ? 12 VAL A N  1 
ATOM 25 C CA . VAL A 1 12 ? 2.326  -0.075 -5.269  1.00 0.00 ? 12 VAL A CA 1 
ATOM 26 C C  . VAL A 1 12 ? 2.823  -0.131 -3.833  1.00 0.00 ? 12 VAL A C  1 
ATOM 27 O O  . VAL A 1 12 ? 2.205  -0.757 -2.976  1.00 0.00 ? 12 VAL A O  1 
ATOM 28 H H  . VAL A 1 12 ? 2.720  1.523  -6.609  1.00 0.00 ? 12 VAL A H  1 
ATOM 29 N N  . VAL A 1 13 ? 3.949  0.534  -3.590  1.00 0.00 ? 13 VAL A N  1 
ATOM 30 C CA . VAL A 1 13 ? 4.553  0.576  -2.272  1.00 0.00 ? 13 VAL A CA 1 
ATOM 31 C C  . VAL A 1 13 ? 3.596  1.195  -1.267  1.00 0.00 ? 13 VAL A C  1 
ATOM 32 O O  . VAL A 1 13 ? 3.258  0.583  -0.257  1.00 0.00 ? 13 VAL A O  1 
ATOM 33 H H  . VAL A 1 13 ? 4.408  1.029  -4.340  1.00 0.00 ? 13 VAL A H  1 
ATOM 34 N N  . ALA A 1 14 ? 3.164  2.419  -1.562  1.00 0.00 ? 14 ALA A N  1 
ATOM 35 C CA . ALA A 1 14 ? 2.247  3.145  -0.705  1.00 0.00 ? 14 ALA A CA 1 
ATOM 36 C C  . ALA A 1 14 ? 0.885  2.467  -0.688  1.00 0.00 ? 14 ALA A C  1 
ATOM 37 O O  . ALA A 1 14 ? 0.358  2.137  0.372   1.00 0.00 ? 14 ALA A O  1 
ATOM 38 H H  . ALA A 1 14 ? 3.481  2.868  -2.409  1.00 0.00 ? 14 ALA A H  1 
ATOM 39 N N  . ILE A 1 15 ? 0.329  2.264  -1.878  1.00 0.00 ? 15 ILE A N  1 
ATOM 40 C CA . ILE A 1 15 ? -0.966 1.631  -2.031  1.00 0.00 ? 15 ILE A CA 1 
ATOM 41 C C  . ILE A 1 15 ? -0.992 0.295  -1.309  1.00 0.00 ? 15 ILE A C  1 
ATOM 42 O O  . ILE A 1 15 ? -1.970 -0.044 -0.646  1.00 0.00 ? 15 ILE A O  1 
ATOM 43 H H  . ILE A 1 15 ? 0.817  2.560  -2.712  1.00 0.00 ? 15 ILE A H  1 
ATOM 44 N N  . ILE A 1 16 ? 0.097  -0.456 -1.447  1.00 0.00 ? 16 ILE A N  1 
ATOM 45 C CA . ILE A 1 16 ? 0.227  -1.758 -0.820  1.00 0.00 ? 16 ILE A CA 1 
ATOM 46 C C  . ILE A 1 16 ? 0.291  -1.616 0.691   1.00 0.00 ? 16 ILE A C  1 
ATOM 47 O O  . ILE A 1 16 ? -0.519 -2.195 1.413   1.00 0.00 ? 16 ILE A O  1 
ATOM 48 H H  . ILE A 1 16 ? 0.868  -0.117 -2.006  1.00 0.00 ? 16 ILE A H  1 
ATOM 49 N N  . ILE A 1 17 ? 1.264  -0.837 1.156   1.00 0.00 ? 17 ILE A N  1 
ATOM 50 C CA . ILE A 1 17 ? 1.458  -0.601 2.573   1.00 0.00 ? 17 ILE A CA 1 
ATOM 51 C C  . ILE A 1 17 ? 0.144  -0.214 3.232   1.00 0.00 ? 17 ILE A C  1 
ATOM 52 O O  . ILE A 1 17 ? -0.170 -0.673 4.329   1.00 0.00 ? 17 ILE A O  1 
ATOM 53 H H  . ILE A 1 17 ? 1.895  -0.389 0.508   1.00 0.00 ? 17 ILE A H  1 
ATOM 54 N N  . ALA A 1 18 ? -0.614 0.636  2.548   1.00 0.00 ? 18 ALA A N  1 
ATOM 55 C CA . ALA A 1 18 ? -1.895 1.103  3.041   1.00 0.00 ? 18 ALA A CA 1 
ATOM 56 C C  . ALA A 1 18 ? -2.896 -0.041 3.090   1.00 0.00 ? 18 ALA A C  1 
ATOM 57 O O  . ALA A 1 18 ? -3.486 -0.317 4.131   1.00 0.00 ? 18 ALA A O  1 
ATOM 58 H H  . ALA A 1 18 ? -0.295 0.977  1.651   1.00 0.00 ? 18 ALA A H  1 
ATOM 59 N N  . ILE A 1 19 ? -3.072 -0.698 1.948   1.00 0.00 ? 19 ILE A N  1 
ATOM 60 C CA . ILE A 1 19 ? -3.991 -1.815 1.830   1.00 0.00 ? 19 ILE A CA 1 
ATOM 61 C C  . ILE A 1 19 ? -3.663 -2.885 2.859   1.00 0.00 ? 19 ILE A C  1 
ATOM 62 O O  . ILE A 1 19 ? -4.540 -3.357 3.580   1.00 0.00 ? 19 ILE A O  1 
ATOM 63 H H  . ILE A 1 19 ? -2.553 -0.420 1.128   1.00 0.00 ? 19 ILE A H  1 
ATOM 64 N N  . VAL A 1 20 ? -2.388 -3.256 2.914   1.00 0.00 ? 20 VAL A N  1 
ATOM 65 C CA . VAL A 1 20 ? -1.915 -4.266 3.841   1.00 0.00 ? 20 VAL A CA 1 
ATOM 66 C C  . VAL A 1 20 ? -2.092 -3.795 5.275   1.00 0.00 ? 20 VAL A C  1 
ATOM 67 O O  . VAL A 1 20 ? -2.610 -4.523 6.120   1.00 0.00 ? 20 VAL A O  1 
ATOM 68 H H  . VAL A 1 20 ? -1.717 -2.828 2.292   1.00 0.00 ? 20 VAL A H  1 
ATOM 69 N N  . VAL A 1 21 ? -1.652 -2.568 5.537   1.00 0.00 ? 21 VAL A N  1 
ATOM 70 C CA . VAL A 1 21 ? -1.749 -1.973 6.856   1.00 0.00 ? 21 VAL A CA 1 
ATOM 71 C C  . VAL A 1 21 ? -3.202 -1.733 7.226   1.00 0.00 ? 21 VAL A C  1 
ATOM 72 O O  . VAL A 1 21 ? -3.683 -2.224 8.246   1.00 0.00 ? 21 VAL A O  1 
ATOM 73 H H  . VAL A 1 21 ? -1.234 -2.020 4.797   1.00 0.00 ? 21 VAL A H  1 
ATOM 74 N N  . TRP A 1 22 ? -3.892 -0.971 6.382   1.00 0.00 ? 22 TRP A N  1 
ATOM 75 C CA . TRP A 1 22 ? -5.290 -0.649 6.594   1.00 0.00 ? 22 TRP A CA 1 
ATOM 76 C C  . TRP A 1 22 ? -6.124 -1.917 6.669   1.00 0.00 ? 22 TRP A C  1 
ATOM 77 O O  . TRP A 1 22 ? -7.074 -2.003 7.443   1.00 0.00 ? 22 TRP A O  1 
ATOM 78 H H  . TRP A 1 22 ? -3.437 -0.599 5.562   1.00 0.00 ? 22 TRP A H  1 
ATOM 79 N N  . SER A 1 23 ? -5.752 -2.897 5.851   1.00 0.00 ? 23 SER A N  1 
ATOM 80 C CA . SER A 1 23 ? -6.445 -4.170 5.800   1.00 0.00 ? 23 SER A CA 1 
ATOM 81 C C  . SER A 1 23 ? -6.253 -4.932 7.103   1.00 0.00 ? 23 SER A C  1 
ATOM 82 O O  . SER A 1 23 ? -7.207 -5.456 7.673   1.00 0.00 ? 23 SER A O  1 
ATOM 83 H H  . SER A 1 23 ? -4.961 -2.762 5.238   1.00 0.00 ? 23 SER A H  1 
ATOM 84 N N  . ILE A 1 24 ? -5.006 -4.982 7.559   1.00 0.00 ? 24 ILE A N  1 
ATOM 85 C CA . ILE A 1 24 ? -4.658 -5.670 8.788   1.00 0.00 ? 24 ILE A CA 1 
ATOM 86 C C  . ILE A 1 24 ? -5.437 -5.093 9.960   1.00 0.00 ? 24 ILE A C  1 
ATOM 87 O O  . ILE A 1 24 ? -5.915 -5.828 10.822  1.00 0.00 ? 24 ILE A O  1 
ATOM 88 H H  . ILE A 1 24 ? -4.267 -4.527 7.042   1.00 0.00 ? 24 ILE A H  1 
ATOM 89 N N  . VAL A 1 25 ? -5.557 -3.770 9.975   1.00 0.00 ? 25 VAL A N  1 
ATOM 90 C CA . VAL A 1 25 ? -6.270 -3.068 11.024  1.00 0.00 ? 25 VAL A CA 1 
ATOM 91 H H  . VAL A 1 25 ? -5.141 -3.224 9.233   1.00 0.00 ? 25 VAL A H  1 
# 
